data_7PHS
#
_entry.id   7PHS
#
_cell.length_a   58.990
_cell.length_b   58.990
_cell.length_c   285.830
_cell.angle_alpha   90.00
_cell.angle_beta   90.00
_cell.angle_gamma   90.00
#
_symmetry.space_group_name_H-M   'P 43 21 2'
#
loop_
_entity.id
_entity.type
_entity.pdbx_description
1 polymer 'Heavy chain of Fab129D3'
2 polymer 'Light chain of Fab129D3'
3 water water
#
loop_
_entity_poly.entity_id
_entity_poly.type
_entity_poly.pdbx_seq_one_letter_code
_entity_poly.pdbx_strand_id
1 'polypeptide(L)'
;QVQLQESGPGLVKPSQTLSLTCTVSGGSITSRYYAWSWIRQPPGKGLEWIGVIDYDGDTYYSPSLKSRVSISWDTSKNQF
SLKLSSVTPADTAVYYCARDPDVVTGFHYDYWGQGTMVTVSSASTKGPSVFPLAPSSKSTSGGTAALGCLVKDYFPEPVT
VSWNSGALTSGVHTFPAVLQSSGLYSLSSVVTVPSSSLGTQTYICNVNHKPSNTKVDKKVEPK
;
H
2 'polypeptide(L)'
;QSALTQPPSVSGTPGQSVTISCAGANNDIGTYAYVSWYQQLPGTAPKLMIYKVTTRASGIPDRFSGSKSGNTASLTISGL
QAEDEADYYCASYRNFNNAVFGTGTKLTVLGQPKAAPSVTLFPPSSEELQANKATLVCLISDFYPGAVTVAWKADSSPVK
AGVETTTPSKQSNNKYAASSYLSLTPEQWKSHRSYSCQVTHEGSTVEKTVAP
;
L
#
# COMPACT_ATOMS: atom_id res chain seq x y z
N GLN A 1 16.76 13.59 -7.95
CA GLN A 1 17.59 13.55 -9.15
C GLN A 1 17.30 12.29 -9.97
N VAL A 2 17.98 11.15 -9.68
CA VAL A 2 17.75 9.87 -10.32
C VAL A 2 16.37 9.45 -9.83
N GLN A 3 15.47 9.32 -10.77
CA GLN A 3 14.08 9.07 -10.45
C GLN A 3 13.56 7.97 -11.37
N LEU A 4 12.88 6.99 -10.77
CA LEU A 4 12.41 5.79 -11.45
C LEU A 4 10.91 5.65 -11.44
N GLN A 5 10.35 5.31 -12.61
CA GLN A 5 8.92 5.12 -12.82
C GLN A 5 8.65 3.89 -13.68
N GLU A 6 7.89 2.97 -13.10
CA GLU A 6 7.52 1.70 -13.74
C GLU A 6 6.29 1.93 -14.59
N SER A 7 6.22 1.23 -15.70
CA SER A 7 5.07 1.32 -16.61
C SER A 7 4.56 -0.10 -16.76
N GLY A 8 3.26 -0.31 -16.78
CA GLY A 8 2.84 -1.70 -16.98
C GLY A 8 1.36 -1.86 -16.87
N PRO A 9 0.79 -2.95 -17.40
CA PRO A 9 -0.63 -3.21 -17.27
C PRO A 9 -0.97 -3.57 -15.82
N GLY A 10 -2.19 -3.27 -15.39
CA GLY A 10 -2.57 -3.59 -14.01
C GLY A 10 -3.28 -4.92 -13.98
N LEU A 11 -3.78 -5.37 -15.12
CA LEU A 11 -4.48 -6.68 -15.18
C LEU A 11 -3.95 -7.44 -16.38
N VAL A 12 -3.60 -8.71 -16.17
CA VAL A 12 -3.10 -9.61 -17.24
C VAL A 12 -3.66 -11.00 -16.96
N LYS A 13 -4.04 -11.73 -18.00
CA LYS A 13 -4.62 -13.10 -17.92
C LYS A 13 -3.48 -14.10 -18.06
N PRO A 14 -3.49 -15.51 -17.57
CA PRO A 14 -2.49 -16.61 -17.61
C PRO A 14 -1.62 -16.85 -18.86
N SER A 15 -2.22 -16.83 -20.06
CA SER A 15 -1.49 -17.07 -21.32
C SER A 15 -0.60 -15.89 -21.76
N GLN A 16 -0.97 -14.65 -21.38
CA GLN A 16 -0.30 -13.41 -21.75
C GLN A 16 1.15 -13.25 -21.23
N THR A 17 1.83 -12.17 -21.68
CA THR A 17 3.20 -11.84 -21.29
C THR A 17 3.20 -10.49 -20.55
N LEU A 18 4.17 -10.28 -19.65
CA LEU A 18 4.27 -9.02 -18.91
C LEU A 18 5.31 -8.08 -19.48
N SER A 19 4.88 -7.07 -20.27
CA SER A 19 5.79 -6.08 -20.83
C SER A 19 5.89 -4.88 -19.89
N LEU A 20 6.60 -5.08 -18.75
CA LEU A 20 6.84 -4.03 -17.76
C LEU A 20 8.05 -3.22 -18.16
N THR A 21 7.93 -1.89 -18.14
CA THR A 21 8.98 -0.98 -18.58
C THR A 21 9.29 0.06 -17.50
N CYS A 22 10.58 0.26 -17.18
CA CYS A 22 11.00 1.27 -16.21
C CYS A 22 11.75 2.40 -16.90
N THR A 23 11.39 3.65 -16.58
CA THR A 23 12.04 4.83 -17.15
C THR A 23 12.92 5.50 -16.10
N VAL A 24 14.18 5.74 -16.47
CA VAL A 24 15.19 6.39 -15.63
C VAL A 24 15.33 7.84 -16.12
N SER A 25 15.47 8.77 -15.17
CA SER A 25 15.67 10.20 -15.43
C SER A 25 16.60 10.77 -14.35
N GLY A 26 17.27 11.87 -14.65
CA GLY A 26 18.20 12.53 -13.74
C GLY A 26 19.53 11.80 -13.59
N GLY A 27 19.77 10.84 -14.47
CA GLY A 27 21.02 10.06 -14.47
C GLY A 27 21.06 9.13 -15.66
N SER A 28 22.24 8.93 -16.23
CA SER A 28 22.39 8.04 -17.40
C SER A 28 22.33 6.58 -16.97
N ILE A 29 21.65 5.77 -17.77
CA ILE A 29 21.42 4.35 -17.47
C ILE A 29 22.56 3.52 -18.06
N THR A 30 23.52 4.16 -18.70
CA THR A 30 24.64 3.42 -19.32
C THR A 30 25.96 3.87 -18.68
N SER A 31 25.88 4.81 -17.76
CA SER A 31 27.08 5.42 -17.15
C SER A 31 27.67 4.61 -16.00
N ARG A 32 28.63 5.29 -15.37
CA ARG A 32 29.49 4.93 -14.24
C ARG A 32 29.59 3.42 -14.10
N TYR A 33 29.17 2.95 -12.94
CA TYR A 33 29.11 1.53 -12.56
C TYR A 33 27.74 1.37 -11.93
N TYR A 34 26.70 1.35 -12.75
CA TYR A 34 25.31 1.30 -12.24
C TYR A 34 24.67 -0.01 -12.67
N ALA A 35 23.84 -0.57 -11.81
CA ALA A 35 23.10 -1.82 -12.10
C ALA A 35 21.62 -1.51 -11.88
N TRP A 36 20.77 -2.08 -12.73
CA TRP A 36 19.31 -1.82 -12.66
C TRP A 36 18.59 -3.14 -12.46
N SER A 37 17.69 -3.21 -11.48
CA SER A 37 17.05 -4.50 -11.16
C SER A 37 15.55 -4.40 -10.97
N TRP A 38 14.90 -5.56 -11.03
CA TRP A 38 13.44 -5.72 -10.87
C TRP A 38 13.21 -6.45 -9.57
N ILE A 39 12.26 -6.01 -8.76
CA ILE A 39 11.93 -6.66 -7.46
C ILE A 39 10.42 -6.63 -7.30
N ARG A 40 9.81 -7.76 -6.97
CA ARG A 40 8.35 -7.80 -6.78
C ARG A 40 8.01 -8.21 -5.35
N GLN A 41 6.96 -7.60 -4.79
CA GLN A 41 6.46 -7.89 -3.43
C GLN A 41 4.98 -8.25 -3.52
N PRO A 42 4.62 -9.55 -3.63
CA PRO A 42 3.23 -9.97 -3.67
C PRO A 42 2.41 -9.43 -2.50
N PRO A 43 1.14 -9.08 -2.76
CA PRO A 43 0.18 -8.48 -1.85
C PRO A 43 0.62 -8.14 -0.42
N GLY A 44 0.87 -9.15 0.41
CA GLY A 44 1.27 -8.89 1.81
C GLY A 44 2.48 -9.68 2.19
N LYS A 45 3.17 -10.23 1.19
CA LYS A 45 4.36 -11.09 1.41
C LYS A 45 5.64 -10.26 1.29
N GLY A 46 6.79 -10.92 1.17
CA GLY A 46 8.10 -10.23 1.14
C GLY A 46 8.69 -10.00 -0.24
N LEU A 47 9.69 -9.12 -0.30
CA LEU A 47 10.44 -8.71 -1.50
C LEU A 47 11.09 -9.92 -2.18
N GLU A 48 11.11 -9.93 -3.51
CA GLU A 48 11.75 -11.02 -4.29
C GLU A 48 12.53 -10.44 -5.45
N TRP A 49 13.82 -10.79 -5.53
CA TRP A 49 14.75 -10.33 -6.59
C TRP A 49 14.47 -11.08 -7.88
N ILE A 50 14.35 -10.36 -8.99
CA ILE A 50 14.00 -10.98 -10.29
C ILE A 50 15.22 -11.06 -11.19
N GLY A 51 15.95 -9.96 -11.35
CA GLY A 51 17.13 -9.96 -12.22
C GLY A 51 17.74 -8.58 -12.30
N VAL A 52 18.95 -8.49 -12.85
CA VAL A 52 19.65 -7.19 -12.99
C VAL A 52 20.13 -7.06 -14.43
N ILE A 53 20.29 -5.82 -14.86
CA ILE A 53 20.96 -5.48 -16.13
C ILE A 53 22.02 -4.46 -15.72
N ASP A 54 23.25 -4.63 -16.16
CA ASP A 54 24.31 -3.67 -15.75
C ASP A 54 24.48 -2.61 -16.82
N TYR A 55 25.24 -1.58 -16.48
CA TYR A 55 25.49 -0.46 -17.41
C TYR A 55 26.17 -0.97 -18.67
N ASP A 56 26.83 -2.12 -18.59
CA ASP A 56 27.51 -2.61 -19.82
C ASP A 56 26.49 -3.34 -20.70
N GLY A 57 25.42 -3.86 -20.10
CA GLY A 57 24.35 -4.43 -20.93
C GLY A 57 24.10 -5.92 -20.77
N ASP A 58 24.86 -6.62 -19.94
CA ASP A 58 24.59 -8.09 -19.82
C ASP A 58 23.75 -8.32 -18.57
N THR A 59 22.93 -9.38 -18.55
CA THR A 59 21.97 -9.53 -17.44
C THR A 59 22.13 -10.85 -16.70
N TYR A 60 21.55 -10.92 -15.50
CA TYR A 60 21.53 -12.09 -14.59
C TYR A 60 20.13 -12.17 -14.00
N TYR A 61 19.61 -13.38 -13.81
CA TYR A 61 18.24 -13.53 -13.27
C TYR A 61 18.20 -14.49 -12.07
N SER A 62 17.05 -14.57 -11.40
CA SER A 62 16.91 -15.49 -10.26
C SER A 62 16.83 -16.86 -10.90
N PRO A 63 17.49 -17.91 -10.38
CA PRO A 63 17.45 -19.23 -11.02
C PRO A 63 16.06 -19.85 -11.08
N SER A 64 15.20 -19.53 -10.12
CA SER A 64 13.81 -20.02 -10.08
C SER A 64 12.98 -19.33 -11.14
N LEU A 65 13.31 -18.08 -11.44
CA LEU A 65 12.53 -17.28 -12.40
C LEU A 65 13.16 -17.35 -13.78
N LYS A 66 14.48 -17.58 -13.83
CA LYS A 66 15.35 -17.62 -15.03
C LYS A 66 14.64 -18.11 -16.30
N SER A 67 13.97 -19.27 -16.24
CA SER A 67 13.25 -19.88 -17.39
C SER A 67 12.28 -18.92 -18.09
N ARG A 68 11.62 -18.02 -17.39
CA ARG A 68 10.69 -17.05 -18.03
C ARG A 68 10.98 -15.62 -17.56
N VAL A 69 12.12 -15.07 -17.98
CA VAL A 69 12.51 -13.70 -17.69
C VAL A 69 13.50 -13.38 -18.77
N SER A 70 13.23 -12.34 -19.52
CA SER A 70 14.05 -11.99 -20.65
C SER A 70 14.20 -10.49 -20.65
N ILE A 71 14.82 -9.97 -19.57
CA ILE A 71 15.09 -8.55 -19.37
C ILE A 71 15.76 -7.92 -20.61
N SER A 72 15.36 -6.69 -20.93
CA SER A 72 15.86 -5.95 -22.08
C SER A 72 15.98 -4.48 -21.71
N TRP A 73 16.62 -3.68 -22.57
CA TRP A 73 16.77 -2.24 -22.32
C TRP A 73 16.80 -1.38 -23.58
N ASP A 74 16.65 -0.06 -23.40
CA ASP A 74 16.68 0.93 -24.46
C ASP A 74 17.46 2.13 -23.93
N THR A 75 18.72 2.24 -24.36
CA THR A 75 19.63 3.31 -23.95
C THR A 75 19.25 4.68 -24.53
N SER A 76 18.66 4.68 -25.74
CA SER A 76 18.22 5.90 -26.41
C SER A 76 17.04 6.55 -25.69
N LYS A 77 16.12 5.73 -25.15
CA LYS A 77 14.95 6.17 -24.40
C LYS A 77 15.15 6.17 -22.85
N ASN A 78 16.39 5.83 -22.38
CA ASN A 78 16.78 5.76 -20.95
C ASN A 78 15.84 4.82 -20.19
N GLN A 79 15.55 3.66 -20.81
CA GLN A 79 14.62 2.64 -20.32
C GLN A 79 15.25 1.26 -20.20
N PHE A 80 14.56 0.39 -19.44
CA PHE A 80 14.83 -1.02 -19.27
C PHE A 80 13.52 -1.74 -18.99
N SER A 81 13.35 -2.94 -19.55
CA SER A 81 12.04 -3.63 -19.41
C SER A 81 12.18 -5.09 -18.96
N LEU A 82 11.12 -5.62 -18.39
CA LEU A 82 11.09 -7.02 -17.91
C LEU A 82 10.05 -7.78 -18.71
N LYS A 83 10.31 -9.04 -19.02
CA LYS A 83 9.34 -9.83 -19.78
C LYS A 83 9.11 -11.15 -19.07
N LEU A 84 7.87 -11.39 -18.65
CA LEU A 84 7.50 -12.63 -17.92
C LEU A 84 6.53 -13.44 -18.79
N SER A 85 6.79 -14.71 -18.95
CA SER A 85 5.91 -15.59 -19.77
C SER A 85 5.24 -16.63 -18.89
N SER A 86 4.35 -17.41 -19.52
CA SER A 86 3.57 -18.50 -18.87
C SER A 86 3.12 -18.01 -17.51
N VAL A 87 2.33 -16.94 -17.47
CA VAL A 87 1.97 -16.38 -16.16
C VAL A 87 0.74 -17.06 -15.55
N THR A 88 0.90 -17.40 -14.26
CA THR A 88 -0.07 -17.94 -13.28
C THR A 88 -0.22 -16.86 -12.21
N PRO A 89 -1.34 -16.67 -11.22
CA PRO A 89 -1.57 -15.65 -10.19
C PRO A 89 -0.45 -15.55 -9.14
N ALA A 90 0.52 -16.51 -9.11
CA ALA A 90 1.70 -16.42 -8.23
C ALA A 90 2.56 -15.21 -8.63
N ASP A 91 2.32 -14.69 -9.84
CA ASP A 91 2.97 -13.51 -10.40
C ASP A 91 2.24 -12.18 -10.08
N THR A 92 1.13 -12.26 -9.30
CA THR A 92 0.40 -11.08 -8.82
C THR A 92 1.31 -10.45 -7.76
N ALA A 93 1.74 -9.18 -7.99
CA ALA A 93 2.65 -8.45 -7.10
C ALA A 93 2.78 -6.99 -7.48
N VAL A 94 3.39 -6.19 -6.58
CA VAL A 94 3.76 -4.81 -6.85
C VAL A 94 5.21 -4.94 -7.35
N TYR A 95 5.40 -4.75 -8.67
CA TYR A 95 6.71 -4.86 -9.31
C TYR A 95 7.50 -3.57 -9.14
N TYR A 96 8.73 -3.70 -8.66
CA TYR A 96 9.64 -2.58 -8.39
C TYR A 96 10.79 -2.47 -9.36
N CYS A 97 11.30 -1.24 -9.48
CA CYS A 97 12.42 -0.83 -10.30
C CYS A 97 13.44 -0.22 -9.32
N ALA A 98 14.71 -0.67 -9.36
CA ALA A 98 15.74 -0.19 -8.43
C ALA A 98 17.16 -0.06 -9.01
N ARG A 99 17.95 0.88 -8.45
CA ARG A 99 19.34 1.19 -8.86
C ARG A 99 20.39 0.78 -7.82
N ASP A 100 21.57 0.35 -8.30
CA ASP A 100 22.75 0.03 -7.51
C ASP A 100 23.73 1.18 -7.77
N PRO A 101 24.16 1.99 -6.75
CA PRO A 101 25.02 3.17 -7.02
C PRO A 101 26.43 2.86 -7.52
N ASP A 102 26.94 1.68 -7.18
CA ASP A 102 28.24 1.15 -7.61
C ASP A 102 28.01 -0.34 -7.88
N VAL A 103 28.95 -1.01 -8.54
CA VAL A 103 28.82 -2.45 -8.85
C VAL A 103 30.18 -3.10 -8.58
N VAL A 104 31.21 -2.26 -8.51
CA VAL A 104 32.61 -2.63 -8.23
C VAL A 104 32.83 -2.51 -6.71
N THR A 105 31.73 -2.38 -5.97
CA THR A 105 31.71 -2.21 -4.54
C THR A 105 30.60 -3.07 -3.94
N GLY A 106 29.53 -3.31 -4.70
CA GLY A 106 28.62 -4.31 -4.15
C GLY A 106 27.15 -4.02 -4.17
N PHE A 107 26.39 -5.08 -3.89
CA PHE A 107 24.92 -5.08 -3.82
C PHE A 107 24.47 -4.15 -2.71
N HIS A 108 23.37 -3.46 -3.02
CA HIS A 108 22.50 -2.51 -2.30
C HIS A 108 21.85 -1.63 -3.34
N TYR A 109 20.60 -1.26 -3.09
CA TYR A 109 19.86 -0.39 -4.02
C TYR A 109 19.58 0.88 -3.24
N ASP A 110 19.92 2.02 -3.77
CA ASP A 110 19.65 3.27 -3.02
C ASP A 110 18.32 3.81 -3.51
N TYR A 111 18.17 3.91 -4.83
CA TYR A 111 16.95 4.46 -5.41
C TYR A 111 16.00 3.43 -5.95
N TRP A 112 14.72 3.61 -5.65
CA TRP A 112 13.61 2.73 -6.02
C TRP A 112 12.50 3.47 -6.74
N GLY A 113 11.64 2.70 -7.40
CA GLY A 113 10.43 3.20 -8.04
C GLY A 113 9.27 3.10 -7.06
N GLN A 114 8.13 3.75 -7.36
CA GLN A 114 6.95 3.72 -6.48
C GLN A 114 6.23 2.36 -6.59
N GLY A 115 6.55 1.61 -7.63
CA GLY A 115 5.98 0.30 -7.89
C GLY A 115 4.69 0.36 -8.70
N THR A 116 4.43 -0.70 -9.47
CA THR A 116 3.21 -0.85 -10.25
C THR A 116 2.57 -2.19 -9.92
N MET A 117 1.26 -2.18 -9.65
CA MET A 117 0.55 -3.40 -9.29
C MET A 117 0.22 -4.21 -10.52
N VAL A 118 0.61 -5.48 -10.49
CA VAL A 118 0.31 -6.44 -11.53
C VAL A 118 -0.57 -7.49 -10.87
N THR A 119 -1.72 -7.76 -11.48
CA THR A 119 -2.61 -8.79 -10.98
C THR A 119 -2.96 -9.72 -12.10
N VAL A 120 -2.76 -11.03 -11.87
CA VAL A 120 -3.04 -12.08 -12.83
C VAL A 120 -4.35 -12.75 -12.47
N SER A 121 -5.32 -12.67 -13.38
CA SER A 121 -6.65 -13.27 -13.22
C SER A 121 -7.37 -13.38 -14.56
N SER A 122 -8.47 -14.15 -14.59
CA SER A 122 -9.23 -14.50 -15.78
C SER A 122 -10.52 -13.75 -16.20
N ALA A 123 -11.27 -13.14 -15.31
CA ALA A 123 -11.38 -12.02 -14.39
C ALA A 123 -11.26 -10.72 -15.14
N SER A 124 -12.36 -10.40 -15.84
CA SER A 124 -12.55 -9.21 -16.64
C SER A 124 -12.41 -8.00 -15.73
N THR A 125 -12.12 -6.84 -16.31
CA THR A 125 -12.01 -5.62 -15.53
C THR A 125 -13.41 -5.03 -15.41
N LYS A 126 -13.63 -4.21 -14.37
CA LYS A 126 -14.87 -3.50 -14.16
C LYS A 126 -14.51 -2.12 -13.69
N GLY A 127 -15.04 -1.11 -14.37
CA GLY A 127 -14.80 0.29 -14.03
C GLY A 127 -15.59 0.65 -12.79
N PRO A 128 -15.08 1.54 -11.92
CA PRO A 128 -15.84 1.86 -10.70
C PRO A 128 -17.06 2.75 -10.91
N SER A 129 -18.07 2.55 -10.08
CA SER A 129 -19.24 3.43 -10.12
C SER A 129 -18.95 4.48 -9.07
N VAL A 130 -18.92 5.75 -9.46
CA VAL A 130 -18.58 6.82 -8.49
C VAL A 130 -19.89 7.47 -8.05
N PHE A 131 -20.10 7.53 -6.74
CA PHE A 131 -21.31 8.16 -6.15
C PHE A 131 -20.86 9.30 -5.24
N PRO A 132 -21.65 10.37 -5.08
CA PRO A 132 -21.27 11.49 -4.25
C PRO A 132 -21.69 11.27 -2.80
N LEU A 133 -20.86 11.68 -1.84
CA LEU A 133 -21.21 11.52 -0.42
C LEU A 133 -21.32 12.90 0.22
N ALA A 134 -22.52 13.49 0.14
CA ALA A 134 -22.84 14.86 0.59
C ALA A 134 -22.58 15.06 2.08
N PRO A 135 -22.29 16.29 2.50
CA PRO A 135 -21.98 16.60 3.89
C PRO A 135 -23.10 16.72 4.95
N SER A 136 -22.64 16.63 6.20
CA SER A 136 -23.38 16.76 7.48
C SER A 136 -22.34 16.66 8.60
N SER A 137 -22.53 17.31 9.74
CA SER A 137 -21.53 17.18 10.83
C SER A 137 -22.17 16.80 12.18
N LYS A 138 -22.84 15.65 12.24
CA LYS A 138 -23.46 15.16 13.50
C LYS A 138 -22.42 14.34 14.28
N SER A 139 -21.30 14.03 13.61
CA SER A 139 -20.18 13.21 14.15
C SER A 139 -18.84 13.93 13.90
N THR A 140 -18.87 15.21 13.48
CA THR A 140 -17.61 15.95 13.18
C THR A 140 -17.41 17.15 14.12
N SER A 141 -16.30 17.87 13.91
CA SER A 141 -15.92 19.07 14.70
C SER A 141 -16.79 20.23 14.22
N GLY A 142 -17.30 21.07 15.13
CA GLY A 142 -18.14 22.19 14.69
C GLY A 142 -17.41 23.08 13.71
N GLY A 143 -18.05 23.43 12.59
CA GLY A 143 -17.41 24.28 11.56
C GLY A 143 -16.86 23.44 10.43
N THR A 144 -16.56 22.18 10.73
CA THR A 144 -16.01 21.16 9.82
C THR A 144 -17.13 20.22 9.39
N ALA A 145 -17.12 19.83 8.12
CA ALA A 145 -18.10 18.84 7.62
C ALA A 145 -17.33 17.63 7.08
N ALA A 146 -18.01 16.73 6.40
CA ALA A 146 -17.29 15.57 5.86
C ALA A 146 -18.00 15.12 4.59
N LEU A 147 -17.30 15.22 3.47
CA LEU A 147 -17.84 14.80 2.16
C LEU A 147 -16.85 13.81 1.54
N GLY A 148 -17.21 13.24 0.41
CA GLY A 148 -16.25 12.31 -0.20
C GLY A 148 -16.84 11.63 -1.39
N CYS A 149 -16.17 10.60 -1.86
CA CYS A 149 -16.69 9.89 -3.04
C CYS A 149 -16.74 8.40 -2.77
N LEU A 150 -17.81 7.75 -3.21
CA LEU A 150 -17.93 6.29 -3.07
C LEU A 150 -17.48 5.68 -4.38
N VAL A 151 -16.33 5.03 -4.37
CA VAL A 151 -15.79 4.35 -5.57
C VAL A 151 -16.15 2.88 -5.41
N LYS A 152 -17.27 2.47 -5.98
CA LYS A 152 -17.82 1.10 -5.77
C LYS A 152 -17.65 0.18 -6.98
N ASP A 153 -17.40 -1.10 -6.69
CA ASP A 153 -17.34 -2.22 -7.65
C ASP A 153 -16.32 -2.03 -8.78
N TYR A 154 -15.06 -2.35 -8.54
CA TYR A 154 -14.04 -2.24 -9.61
C TYR A 154 -13.03 -3.36 -9.44
N PHE A 155 -12.54 -3.89 -10.57
CA PHE A 155 -11.53 -4.98 -10.59
C PHE A 155 -10.45 -4.75 -11.66
N PRO A 156 -9.09 -4.81 -11.04
CA PRO A 156 -8.62 -4.87 -9.67
C PRO A 156 -7.97 -3.58 -9.14
N GLU A 157 -7.07 -3.76 -8.19
CA GLU A 157 -6.36 -2.63 -7.58
C GLU A 157 -5.35 -2.09 -8.59
N PRO A 158 -5.04 -0.79 -8.51
CA PRO A 158 -5.79 0.11 -7.68
C PRO A 158 -6.58 1.19 -8.40
N VAL A 159 -6.99 2.18 -7.62
CA VAL A 159 -7.68 3.38 -8.14
C VAL A 159 -7.13 4.57 -7.36
N THR A 160 -7.01 5.70 -8.01
CA THR A 160 -6.44 6.88 -7.36
C THR A 160 -7.44 8.00 -7.35
N VAL A 161 -7.71 8.55 -6.17
CA VAL A 161 -8.67 9.64 -5.98
C VAL A 161 -7.95 10.91 -5.55
N SER A 162 -8.14 12.00 -6.32
CA SER A 162 -7.59 13.32 -6.03
C SER A 162 -8.73 14.32 -5.99
N TRP A 163 -8.56 15.46 -5.30
CA TRP A 163 -9.60 16.47 -5.18
C TRP A 163 -9.22 17.77 -5.89
N ASN A 164 -10.14 18.26 -6.75
CA ASN A 164 -10.03 19.49 -7.55
C ASN A 164 -8.75 19.55 -8.41
N SER A 165 -8.41 18.43 -9.09
CA SER A 165 -7.23 18.24 -9.95
C SER A 165 -5.90 18.39 -9.18
N GLY A 166 -5.91 18.02 -7.90
CA GLY A 166 -4.76 18.10 -7.01
C GLY A 166 -4.62 19.41 -6.27
N ALA A 167 -5.54 20.37 -6.50
CA ALA A 167 -5.53 21.68 -5.84
C ALA A 167 -5.83 21.54 -4.34
N LEU A 168 -6.69 20.57 -3.97
CA LEU A 168 -7.04 20.28 -2.58
C LEU A 168 -6.34 19.00 -2.11
N THR A 169 -5.39 19.16 -1.18
CA THR A 169 -4.59 18.06 -0.62
C THR A 169 -4.83 17.88 0.88
N SER A 170 -4.99 19.01 1.61
CA SER A 170 -5.19 19.05 3.06
C SER A 170 -6.52 18.49 3.49
N GLY A 171 -6.49 17.70 4.58
CA GLY A 171 -7.67 17.05 5.15
C GLY A 171 -8.24 15.90 4.35
N VAL A 172 -7.53 15.46 3.28
CA VAL A 172 -7.95 14.38 2.39
C VAL A 172 -7.52 13.02 2.97
N HIS A 173 -8.49 12.11 3.13
CA HIS A 173 -8.24 10.77 3.63
C HIS A 173 -8.86 9.75 2.70
N THR A 174 -8.02 8.99 2.01
CA THR A 174 -8.47 7.96 1.08
C THR A 174 -8.29 6.61 1.76
N PHE A 175 -9.41 5.92 1.97
CA PHE A 175 -9.47 4.65 2.69
C PHE A 175 -9.05 3.42 1.89
N PRO A 176 -8.32 2.47 2.52
CA PRO A 176 -7.98 1.22 1.82
C PRO A 176 -9.24 0.50 1.36
N ALA A 177 -9.21 0.03 0.11
CA ALA A 177 -10.31 -0.66 -0.54
C ALA A 177 -10.75 -1.96 0.15
N VAL A 178 -12.05 -2.22 0.15
CA VAL A 178 -12.61 -3.44 0.71
C VAL A 178 -12.81 -4.47 -0.41
N LEU A 179 -12.27 -5.69 -0.24
CA LEU A 179 -12.48 -6.76 -1.21
C LEU A 179 -13.77 -7.46 -0.79
N GLN A 180 -14.84 -7.24 -1.56
CA GLN A 180 -16.18 -7.76 -1.30
C GLN A 180 -16.31 -9.27 -1.56
N SER A 181 -17.46 -9.84 -1.15
CA SER A 181 -17.80 -11.26 -1.33
C SER A 181 -17.98 -11.58 -2.83
N SER A 182 -18.25 -10.54 -3.64
CA SER A 182 -18.44 -10.58 -5.09
C SER A 182 -17.12 -10.74 -5.86
N GLY A 183 -16.03 -10.33 -5.22
CA GLY A 183 -14.69 -10.37 -5.81
C GLY A 183 -14.22 -9.00 -6.26
N LEU A 184 -15.12 -7.99 -6.17
CA LEU A 184 -14.81 -6.61 -6.55
C LEU A 184 -14.39 -5.79 -5.35
N TYR A 185 -13.67 -4.68 -5.61
CA TYR A 185 -13.19 -3.77 -4.58
C TYR A 185 -14.09 -2.54 -4.47
N SER A 186 -14.08 -1.90 -3.29
CA SER A 186 -14.85 -0.69 -3.03
C SER A 186 -14.14 0.19 -2.02
N LEU A 187 -13.99 1.49 -2.33
CA LEU A 187 -13.36 2.44 -1.41
C LEU A 187 -14.04 3.80 -1.34
N SER A 188 -13.76 4.55 -0.27
CA SER A 188 -14.28 5.89 -0.05
C SER A 188 -13.15 6.84 0.25
N SER A 189 -13.32 8.10 -0.14
CA SER A 189 -12.36 9.18 0.08
C SER A 189 -13.06 10.27 0.87
N VAL A 190 -12.39 10.88 1.86
CA VAL A 190 -13.03 11.89 2.70
C VAL A 190 -12.17 13.14 2.85
N VAL A 191 -12.80 14.32 2.75
CA VAL A 191 -12.15 15.60 3.00
C VAL A 191 -12.93 16.40 4.05
N THR A 192 -12.27 16.70 5.18
CA THR A 192 -12.86 17.47 6.28
C THR A 192 -12.69 18.94 5.93
N VAL A 193 -13.81 19.61 5.62
CA VAL A 193 -13.83 21.02 5.20
C VAL A 193 -14.59 21.90 6.22
N PRO A 194 -14.28 23.22 6.38
CA PRO A 194 -15.07 24.03 7.31
C PRO A 194 -16.44 24.32 6.70
N SER A 195 -17.52 23.91 7.41
CA SER A 195 -18.94 24.03 7.02
C SER A 195 -19.32 25.31 6.27
N SER A 196 -18.58 26.40 6.54
CA SER A 196 -18.71 27.71 5.92
C SER A 196 -18.44 27.70 4.40
N SER A 197 -17.66 26.69 3.92
CA SER A 197 -17.29 26.52 2.51
C SER A 197 -18.33 25.74 1.68
N LEU A 198 -19.40 25.21 2.33
CA LEU A 198 -20.44 24.43 1.66
C LEU A 198 -21.31 25.24 0.69
N GLY A 199 -21.64 26.47 1.08
CA GLY A 199 -22.38 27.41 0.25
C GLY A 199 -21.45 28.22 -0.62
N THR A 200 -20.13 27.96 -0.51
CA THR A 200 -19.06 28.64 -1.23
C THR A 200 -18.34 27.70 -2.23
N GLN A 201 -17.43 26.86 -1.72
CA GLN A 201 -16.56 25.97 -2.49
C GLN A 201 -17.19 24.82 -3.26
N THR A 202 -16.71 24.62 -4.49
CA THR A 202 -17.06 23.55 -5.41
C THR A 202 -16.09 22.40 -5.12
N TYR A 203 -16.62 21.19 -4.85
CA TYR A 203 -15.79 20.02 -4.56
C TYR A 203 -15.93 18.94 -5.62
N ILE A 204 -14.84 18.63 -6.33
CA ILE A 204 -14.81 17.62 -7.39
C ILE A 204 -13.76 16.56 -7.07
N CYS A 205 -14.18 15.28 -7.03
CA CYS A 205 -13.27 14.17 -6.81
C CYS A 205 -12.89 13.57 -8.17
N ASN A 206 -11.58 13.43 -8.40
CA ASN A 206 -11.04 12.90 -9.65
C ASN A 206 -10.62 11.46 -9.42
N VAL A 207 -11.51 10.52 -9.81
CA VAL A 207 -11.32 9.08 -9.68
C VAL A 207 -10.67 8.56 -10.95
N ASN A 208 -9.57 7.83 -10.81
CA ASN A 208 -8.85 7.25 -11.95
C ASN A 208 -8.60 5.76 -11.70
N HIS A 209 -9.04 4.92 -12.65
CA HIS A 209 -8.84 3.47 -12.66
C HIS A 209 -8.16 3.13 -13.98
N LYS A 210 -6.81 3.17 -13.98
CA LYS A 210 -5.97 2.88 -15.13
C LYS A 210 -6.27 1.54 -15.83
N PRO A 211 -6.48 0.39 -15.10
CA PRO A 211 -6.76 -0.87 -15.82
C PRO A 211 -7.95 -0.85 -16.79
N SER A 212 -9.13 -0.37 -16.35
CA SER A 212 -10.33 -0.32 -17.20
C SER A 212 -10.41 0.95 -18.05
N ASN A 213 -9.40 1.87 -17.92
CA ASN A 213 -9.29 3.15 -18.61
C ASN A 213 -10.24 4.22 -18.02
N THR A 214 -10.85 3.94 -16.87
CA THR A 214 -11.80 4.83 -16.22
C THR A 214 -11.15 6.08 -15.60
N LYS A 215 -11.73 7.25 -15.91
CA LYS A 215 -11.38 8.56 -15.39
C LYS A 215 -12.69 9.34 -15.21
N VAL A 216 -13.18 9.42 -13.96
CA VAL A 216 -14.45 10.07 -13.61
C VAL A 216 -14.23 11.25 -12.66
N ASP A 217 -14.82 12.40 -12.98
CA ASP A 217 -14.78 13.61 -12.15
C ASP A 217 -16.22 13.85 -11.65
N LYS A 218 -16.43 13.77 -10.32
CA LYS A 218 -17.75 13.92 -9.70
C LYS A 218 -17.84 15.12 -8.76
N LYS A 219 -18.80 16.04 -9.04
CA LYS A 219 -19.01 17.22 -8.20
C LYS A 219 -19.83 16.82 -6.96
N VAL A 220 -19.25 17.04 -5.76
CA VAL A 220 -19.86 16.71 -4.47
C VAL A 220 -20.39 18.02 -3.84
N GLU A 221 -21.66 18.31 -4.13
CA GLU A 221 -22.38 19.50 -3.64
C GLU A 221 -23.32 19.13 -2.49
N PRO A 222 -23.62 20.05 -1.52
CA PRO A 222 -24.56 19.68 -0.44
C PRO A 222 -25.98 19.44 -0.98
N LYS A 223 -26.73 18.53 -0.33
CA LYS A 223 -28.07 18.15 -0.76
C LYS A 223 -29.18 19.07 -0.22
N SER B 2 16.72 -19.52 -2.93
CA SER B 2 15.89 -19.86 -1.78
C SER B 2 15.41 -18.58 -1.07
N ALA B 3 15.78 -18.39 0.23
CA ALA B 3 15.43 -17.21 1.04
C ALA B 3 16.19 -17.16 2.36
N LEU B 4 16.25 -15.95 2.94
CA LEU B 4 16.91 -15.69 4.22
C LEU B 4 15.86 -15.65 5.33
N THR B 5 16.14 -16.35 6.43
CA THR B 5 15.17 -16.45 7.53
C THR B 5 15.26 -15.30 8.52
N GLN B 6 14.14 -14.60 8.68
CA GLN B 6 13.96 -13.53 9.65
C GLN B 6 12.64 -13.78 10.39
N PRO B 7 12.54 -13.48 11.71
CA PRO B 7 11.26 -13.74 12.41
C PRO B 7 10.09 -12.97 11.77
N PRO B 8 8.90 -13.59 11.61
CA PRO B 8 7.77 -12.88 10.98
C PRO B 8 7.36 -11.60 11.71
N SER B 9 7.58 -11.55 13.03
CA SER B 9 7.24 -10.41 13.87
C SER B 9 8.24 -10.21 15.01
N VAL B 10 8.43 -8.95 15.40
CA VAL B 10 9.27 -8.48 16.50
C VAL B 10 8.57 -7.25 17.07
N SER B 11 8.25 -7.29 18.37
CA SER B 11 7.61 -6.19 19.06
C SER B 11 8.62 -5.57 20.00
N GLY B 12 8.58 -4.25 20.15
CA GLY B 12 9.54 -3.55 20.96
C GLY B 12 8.95 -2.55 21.93
N THR B 13 9.64 -2.36 23.07
CA THR B 13 9.28 -1.41 24.10
C THR B 13 9.34 -0.01 23.47
N PRO B 14 8.29 0.81 23.74
CA PRO B 14 8.25 2.18 23.20
C PRO B 14 9.32 3.07 23.84
N GLY B 15 10.53 2.58 23.75
CA GLY B 15 11.73 3.19 24.29
C GLY B 15 12.89 2.64 23.51
N GLN B 16 13.44 1.51 23.98
CA GLN B 16 14.56 0.78 23.40
C GLN B 16 14.52 -0.70 23.91
N SER B 17 15.22 -1.71 23.31
CA SER B 17 16.16 -1.75 22.17
C SER B 17 15.95 -3.11 21.49
N VAL B 18 15.74 -3.14 20.15
CA VAL B 18 15.48 -4.42 19.47
C VAL B 18 16.53 -4.86 18.45
N THR B 19 16.66 -6.20 18.29
CA THR B 19 17.58 -6.88 17.37
C THR B 19 16.82 -7.84 16.46
N ILE B 20 17.07 -7.78 15.15
CA ILE B 20 16.45 -8.63 14.12
C ILE B 20 17.54 -9.49 13.45
N SER B 21 17.32 -10.82 13.37
CA SER B 21 18.25 -11.78 12.79
C SER B 21 17.92 -12.14 11.35
N CYS B 22 18.96 -12.25 10.53
CA CYS B 22 18.86 -12.62 9.11
C CYS B 22 19.84 -13.77 8.88
N ALA B 23 19.30 -15.00 8.75
CA ALA B 23 20.09 -16.23 8.64
C ALA B 23 20.18 -16.72 7.21
N GLY B 24 21.41 -17.00 6.76
CA GLY B 24 21.67 -17.46 5.39
C GLY B 24 22.50 -18.72 5.36
N ALA B 25 23.45 -18.80 4.43
CA ALA B 25 24.29 -20.01 4.35
C ALA B 25 25.74 -19.63 4.04
N ASN B 26 26.57 -20.64 3.89
CA ASN B 26 28.00 -20.40 3.68
C ASN B 26 28.18 -19.65 2.37
N ASN B 27 27.46 -20.05 1.33
CA ASN B 27 27.73 -19.48 -0.02
C ASN B 27 26.87 -18.26 -0.34
N ASP B 28 26.70 -17.35 0.62
CA ASP B 28 25.97 -16.08 0.43
C ASP B 28 26.36 -15.16 1.59
N ILE B 29 25.84 -15.42 2.79
CA ILE B 29 26.18 -14.57 3.97
C ILE B 29 27.56 -14.95 4.49
N GLY B 30 28.05 -16.13 4.16
CA GLY B 30 29.34 -16.54 4.71
C GLY B 30 30.50 -16.06 3.87
N THR B 31 30.39 -16.10 2.55
CA THR B 31 31.58 -15.68 1.78
C THR B 31 31.54 -14.21 1.41
N TYR B 32 30.38 -13.64 1.11
CA TYR B 32 30.36 -12.23 0.65
C TYR B 32 29.95 -11.30 1.78
N ALA B 33 30.30 -10.02 1.67
CA ALA B 33 29.99 -9.01 2.70
C ALA B 33 29.01 -7.99 2.15
N TYR B 34 28.05 -8.40 1.33
CA TYR B 34 27.09 -7.45 0.72
C TYR B 34 25.71 -7.61 1.35
N VAL B 35 25.70 -7.56 2.67
CA VAL B 35 24.46 -7.71 3.47
C VAL B 35 23.85 -6.33 3.67
N SER B 36 22.61 -6.16 3.18
CA SER B 36 21.91 -4.85 3.22
C SER B 36 20.54 -4.94 3.88
N TRP B 37 20.17 -3.91 4.62
CA TRP B 37 18.87 -3.90 5.32
C TRP B 37 18.02 -2.78 4.73
N TYR B 38 16.73 -3.05 4.53
CA TYR B 38 15.84 -2.00 3.98
C TYR B 38 14.62 -1.83 4.89
N GLN B 39 14.20 -0.60 5.08
CA GLN B 39 13.01 -0.31 5.92
C GLN B 39 11.84 0.09 5.02
N GLN B 40 10.73 -0.65 5.09
CA GLN B 40 9.57 -0.31 4.26
C GLN B 40 8.35 0.00 5.13
N LEU B 41 8.04 1.28 5.32
CA LEU B 41 6.77 1.58 6.03
C LEU B 41 5.65 1.42 5.00
N PRO B 42 4.42 1.09 5.41
CA PRO B 42 3.31 0.80 4.50
C PRO B 42 3.04 1.72 3.30
N GLY B 43 2.74 1.12 2.15
CA GLY B 43 2.38 1.83 0.91
C GLY B 43 3.53 2.31 0.06
N THR B 44 4.71 2.47 0.65
CA THR B 44 5.92 3.00 -0.02
C THR B 44 6.87 1.87 -0.36
N ALA B 45 7.98 2.21 -1.02
CA ALA B 45 9.02 1.23 -1.43
C ALA B 45 10.05 1.11 -0.32
N PRO B 46 10.93 0.11 -0.33
CA PRO B 46 11.94 -0.03 0.69
C PRO B 46 12.96 1.11 0.69
N LYS B 47 13.52 1.43 1.85
CA LYS B 47 14.51 2.51 1.97
C LYS B 47 15.83 1.90 2.41
N LEU B 48 16.93 2.22 1.73
CA LEU B 48 18.20 1.58 2.14
C LEU B 48 18.56 2.13 3.50
N MET B 49 18.76 1.24 4.47
CA MET B 49 19.10 1.65 5.85
C MET B 49 20.56 1.31 6.13
N ILE B 50 20.97 0.11 5.73
CA ILE B 50 22.37 -0.35 5.96
C ILE B 50 22.78 -1.22 4.77
N TYR B 51 24.08 -1.21 4.43
CA TYR B 51 24.74 -2.06 3.41
C TYR B 51 26.14 -2.44 3.94
N LYS B 52 26.79 -3.39 3.26
CA LYS B 52 28.18 -3.84 3.57
C LYS B 52 28.30 -4.30 5.02
N VAL B 53 27.28 -4.98 5.54
CA VAL B 53 27.17 -5.51 6.94
C VAL B 53 27.01 -4.40 7.99
N THR B 54 27.96 -3.46 8.10
CA THR B 54 27.91 -2.44 9.15
C THR B 54 27.69 -1.02 8.62
N THR B 55 27.80 -0.76 7.32
CA THR B 55 27.72 0.64 6.83
C THR B 55 26.31 1.27 6.82
N ARG B 56 26.10 2.25 7.70
CA ARG B 56 24.85 3.04 7.83
C ARG B 56 24.77 3.93 6.60
N ALA B 57 23.58 4.15 6.02
CA ALA B 57 23.51 5.00 4.81
C ALA B 57 23.42 6.47 5.21
N SER B 58 23.60 7.37 4.24
CA SER B 58 23.51 8.83 4.47
C SER B 58 22.15 9.15 5.09
N GLY B 59 22.14 9.80 6.24
CA GLY B 59 20.83 10.17 6.82
C GLY B 59 20.41 9.18 7.87
N ILE B 60 20.89 7.95 7.80
CA ILE B 60 20.43 6.97 8.82
C ILE B 60 20.94 7.40 10.19
N PRO B 61 20.10 7.32 11.24
CA PRO B 61 20.48 7.65 12.59
C PRO B 61 21.46 6.63 13.16
N ASP B 62 22.17 7.00 14.22
CA ASP B 62 23.22 6.18 14.87
C ASP B 62 22.63 5.05 15.71
N ARG B 63 21.32 5.04 15.96
CA ARG B 63 20.62 4.00 16.75
C ARG B 63 20.37 2.73 15.92
N PHE B 64 20.62 2.78 14.61
CA PHE B 64 20.49 1.60 13.75
C PHE B 64 21.86 0.94 13.68
N SER B 65 21.93 -0.37 13.92
CA SER B 65 23.24 -1.05 13.94
C SER B 65 23.19 -2.31 13.10
N GLY B 66 24.29 -2.57 12.38
CA GLY B 66 24.51 -3.76 11.55
C GLY B 66 25.58 -4.63 12.16
N SER B 67 25.30 -5.92 12.26
CA SER B 67 26.23 -6.91 12.87
C SER B 67 26.15 -8.22 12.10
N LYS B 68 27.09 -9.13 12.32
CA LYS B 68 27.08 -10.44 11.61
C LYS B 68 27.94 -11.44 12.37
N SER B 69 27.50 -12.68 12.46
CA SER B 69 28.32 -13.67 13.20
C SER B 69 28.89 -14.66 12.21
N GLY B 70 28.06 -15.54 11.68
CA GLY B 70 28.58 -16.48 10.68
C GLY B 70 27.80 -16.30 9.41
N ASN B 71 26.77 -17.13 9.29
CA ASN B 71 25.80 -17.10 8.18
C ASN B 71 24.53 -16.50 8.76
N THR B 72 24.69 -15.50 9.65
CA THR B 72 23.54 -14.84 10.30
C THR B 72 23.79 -13.35 10.43
N ALA B 73 23.01 -12.52 9.72
CA ALA B 73 23.27 -11.08 9.89
C ALA B 73 22.23 -10.51 10.85
N SER B 74 22.52 -9.36 11.44
CA SER B 74 21.62 -8.80 12.46
C SER B 74 21.58 -7.27 12.37
N LEU B 75 20.41 -6.69 12.62
CA LEU B 75 20.13 -5.25 12.66
C LEU B 75 19.67 -4.90 14.07
N THR B 76 20.25 -3.87 14.65
CA THR B 76 19.88 -3.49 16.03
C THR B 76 19.29 -2.09 16.02
N ILE B 77 18.19 -1.87 16.72
CA ILE B 77 17.59 -0.51 16.82
C ILE B 77 17.68 -0.10 18.28
N SER B 78 18.42 0.97 18.56
CA SER B 78 18.68 1.46 19.93
C SER B 78 17.74 2.60 20.28
N GLY B 79 16.68 2.31 21.04
CA GLY B 79 15.71 3.35 21.40
C GLY B 79 14.80 3.61 20.23
N LEU B 80 13.64 2.96 20.21
CA LEU B 80 12.79 3.10 19.02
C LEU B 80 11.81 4.26 19.14
N GLN B 81 11.52 4.90 18.02
CA GLN B 81 10.51 5.97 17.93
C GLN B 81 9.25 5.35 17.29
N ALA B 82 8.26 6.17 16.95
CA ALA B 82 7.11 5.55 16.29
C ALA B 82 7.43 5.43 14.78
N GLU B 83 8.49 6.15 14.33
CA GLU B 83 9.06 6.17 12.98
C GLU B 83 9.50 4.76 12.57
N ASP B 84 10.02 4.00 13.54
CA ASP B 84 10.58 2.65 13.41
C ASP B 84 9.56 1.55 13.11
N GLU B 85 8.26 1.83 13.33
CA GLU B 85 7.15 0.90 13.05
C GLU B 85 7.08 0.64 11.54
N ALA B 86 7.79 -0.41 11.09
CA ALA B 86 7.86 -0.80 9.68
C ALA B 86 8.29 -2.25 9.50
N ASP B 87 8.24 -2.73 8.25
CA ASP B 87 8.69 -4.06 7.86
C ASP B 87 10.17 -3.98 7.50
N TYR B 88 10.96 -4.99 7.92
CA TYR B 88 12.40 -4.98 7.70
C TYR B 88 12.90 -6.13 6.87
N TYR B 89 13.70 -5.81 5.85
CA TYR B 89 14.25 -6.78 4.92
C TYR B 89 15.76 -6.72 4.86
N CYS B 90 16.36 -7.90 4.91
CA CYS B 90 17.79 -8.08 4.76
C CYS B 90 18.01 -8.63 3.38
N ALA B 91 19.17 -8.34 2.79
CA ALA B 91 19.54 -8.83 1.48
C ALA B 91 21.01 -9.18 1.46
N SER B 92 21.44 -9.87 0.40
CA SER B 92 22.84 -10.26 0.23
C SER B 92 23.12 -10.55 -1.22
N TYR B 93 24.42 -10.58 -1.57
CA TYR B 93 24.88 -11.00 -2.88
C TYR B 93 24.77 -12.52 -2.82
N ARG B 94 24.57 -13.16 -3.97
CA ARG B 94 24.61 -14.62 -4.10
C ARG B 94 25.35 -14.90 -5.41
N ASN B 95 26.20 -15.91 -5.45
CA ASN B 95 26.90 -16.24 -6.72
C ASN B 95 25.89 -16.82 -7.69
N PHE B 96 26.04 -16.57 -8.99
CA PHE B 96 26.97 -15.52 -9.48
C PHE B 96 26.14 -14.36 -10.01
N ASN B 97 26.28 -13.21 -9.37
CA ASN B 97 25.58 -11.95 -9.70
C ASN B 97 24.09 -12.08 -9.39
N ASN B 98 23.76 -12.64 -8.25
CA ASN B 98 22.34 -12.80 -7.89
C ASN B 98 22.09 -12.10 -6.55
N ALA B 99 20.85 -11.74 -6.25
CA ALA B 99 20.51 -11.16 -4.96
C ALA B 99 19.46 -12.04 -4.28
N VAL B 100 19.35 -11.89 -2.96
CA VAL B 100 18.40 -12.63 -2.15
C VAL B 100 17.84 -11.78 -1.03
N PHE B 101 16.51 -11.80 -0.89
CA PHE B 101 15.85 -11.08 0.17
C PHE B 101 15.31 -12.08 1.17
N GLY B 102 15.07 -11.60 2.37
CA GLY B 102 14.53 -12.41 3.44
C GLY B 102 13.01 -12.43 3.43
N THR B 103 12.42 -13.11 4.43
CA THR B 103 10.97 -13.21 4.59
C THR B 103 10.38 -11.86 5.00
N GLY B 104 11.09 -11.17 5.88
CA GLY B 104 10.71 -9.87 6.40
C GLY B 104 10.35 -9.92 7.87
N THR B 105 10.55 -8.80 8.57
CA THR B 105 10.23 -8.70 9.99
C THR B 105 9.38 -7.45 10.23
N LYS B 106 8.12 -7.63 10.64
CA LYS B 106 7.27 -6.50 10.93
C LYS B 106 7.54 -6.04 12.35
N LEU B 107 8.13 -4.84 12.49
CA LEU B 107 8.39 -4.28 13.81
C LEU B 107 7.17 -3.54 14.31
N THR B 108 6.78 -3.84 15.55
CA THR B 108 5.64 -3.24 16.22
C THR B 108 6.16 -2.51 17.45
N VAL B 109 5.85 -1.21 17.56
CA VAL B 109 6.20 -0.44 18.76
C VAL B 109 4.87 -0.39 19.54
N LEU B 110 4.89 -0.48 20.89
CA LEU B 110 3.63 -0.67 21.64
C LEU B 110 3.20 0.18 22.86
N GLY B 111 4.09 0.94 23.47
CA GLY B 111 3.73 1.74 24.65
C GLY B 111 2.99 3.00 24.27
N GLN B 112 2.56 3.02 23.01
CA GLN B 112 1.84 4.04 22.30
C GLN B 112 0.53 4.35 23.02
N PRO B 113 0.14 5.65 22.99
CA PRO B 113 -1.11 6.03 23.65
C PRO B 113 -2.35 5.44 22.99
N LYS B 114 -3.50 5.60 23.63
CA LYS B 114 -4.75 5.13 23.07
C LYS B 114 -5.38 6.30 22.36
N ALA B 115 -6.00 6.03 21.21
CA ALA B 115 -6.67 7.05 20.43
C ALA B 115 -8.07 6.55 20.13
N ALA B 116 -9.09 7.34 20.49
CA ALA B 116 -10.47 6.98 20.24
C ALA B 116 -10.80 7.09 18.75
N PRO B 117 -11.60 6.15 18.19
CA PRO B 117 -11.89 6.23 16.75
C PRO B 117 -12.84 7.35 16.37
N SER B 118 -12.54 8.02 15.24
CA SER B 118 -13.38 9.07 14.68
C SER B 118 -14.25 8.38 13.65
N VAL B 119 -15.58 8.41 13.86
CA VAL B 119 -16.56 7.73 13.00
C VAL B 119 -17.34 8.74 12.15
N THR B 120 -17.47 8.46 10.84
CA THR B 120 -18.26 9.25 9.90
C THR B 120 -19.17 8.32 9.10
N LEU B 121 -20.50 8.44 9.33
CA LEU B 121 -21.50 7.62 8.63
C LEU B 121 -22.18 8.40 7.50
N PHE B 122 -22.34 7.76 6.33
CA PHE B 122 -22.95 8.38 5.16
C PHE B 122 -24.23 7.71 4.67
N PRO B 123 -25.28 8.51 4.34
CA PRO B 123 -26.51 7.90 3.80
C PRO B 123 -26.33 7.54 2.31
N PRO B 124 -27.06 6.52 1.77
CA PRO B 124 -26.91 6.21 0.34
C PRO B 124 -27.32 7.40 -0.53
N SER B 125 -26.46 7.78 -1.48
CA SER B 125 -26.65 8.91 -2.38
C SER B 125 -27.91 8.79 -3.25
N SER B 126 -28.45 9.96 -3.68
CA SER B 126 -29.62 10.05 -4.56
C SER B 126 -29.35 9.25 -5.83
N GLU B 127 -28.13 9.39 -6.40
CA GLU B 127 -27.65 8.72 -7.60
C GLU B 127 -27.65 7.19 -7.48
N GLU B 128 -27.20 6.66 -6.31
CA GLU B 128 -27.14 5.22 -6.05
C GLU B 128 -28.54 4.63 -5.89
N LEU B 129 -29.42 5.33 -5.15
CA LEU B 129 -30.80 4.91 -4.95
C LEU B 129 -31.60 4.93 -6.27
N GLN B 130 -31.26 5.87 -7.19
CA GLN B 130 -31.87 5.95 -8.53
C GLN B 130 -31.40 4.75 -9.36
N ALA B 131 -30.14 4.31 -9.14
CA ALA B 131 -29.51 3.16 -9.80
C ALA B 131 -29.97 1.82 -9.19
N ASN B 132 -31.03 1.85 -8.35
CA ASN B 132 -31.66 0.70 -7.67
C ASN B 132 -30.71 -0.06 -6.72
N LYS B 133 -29.80 0.69 -6.04
CA LYS B 133 -28.83 0.16 -5.09
C LYS B 133 -28.74 1.05 -3.84
N ALA B 134 -28.16 0.52 -2.72
CA ALA B 134 -27.99 1.26 -1.47
C ALA B 134 -26.79 0.78 -0.66
N THR B 135 -25.87 1.72 -0.34
CA THR B 135 -24.67 1.44 0.45
C THR B 135 -24.52 2.46 1.56
N LEU B 136 -24.25 1.96 2.78
CA LEU B 136 -24.05 2.78 3.96
C LEU B 136 -22.58 2.78 4.31
N VAL B 137 -21.96 3.96 4.21
CA VAL B 137 -20.54 4.16 4.40
C VAL B 137 -20.18 4.62 5.82
N CYS B 138 -19.54 3.75 6.60
CA CYS B 138 -19.07 4.06 7.94
C CYS B 138 -17.54 4.08 7.87
N LEU B 139 -16.94 5.22 8.22
CA LEU B 139 -15.50 5.41 8.11
C LEU B 139 -14.80 5.69 9.44
N ILE B 140 -14.09 4.68 9.91
CA ILE B 140 -13.36 4.65 11.17
C ILE B 140 -11.87 4.97 10.94
N SER B 141 -11.34 5.95 11.70
CA SER B 141 -9.96 6.43 11.59
C SER B 141 -9.43 6.96 12.92
N ASP B 142 -8.10 7.18 12.99
CA ASP B 142 -7.36 7.71 14.14
C ASP B 142 -7.58 6.90 15.42
N PHE B 143 -7.48 5.56 15.32
CA PHE B 143 -7.66 4.69 16.47
C PHE B 143 -6.46 3.79 16.78
N TYR B 144 -6.10 3.69 18.06
CA TYR B 144 -5.00 2.85 18.55
C TYR B 144 -5.40 2.15 19.85
N PRO B 145 -5.23 0.82 20.00
CA PRO B 145 -4.68 -0.19 19.05
C PRO B 145 -5.54 -0.46 17.82
N GLY B 146 -5.00 -1.25 16.90
CA GLY B 146 -5.66 -1.60 15.64
C GLY B 146 -6.63 -2.75 15.70
N ALA B 147 -7.68 -2.62 16.53
CA ALA B 147 -8.71 -3.64 16.69
C ALA B 147 -10.07 -3.00 17.02
N VAL B 148 -11.06 -3.22 16.12
CA VAL B 148 -12.43 -2.70 16.27
C VAL B 148 -13.49 -3.76 15.93
N THR B 149 -14.73 -3.54 16.40
CA THR B 149 -15.88 -4.40 16.14
C THR B 149 -17.05 -3.48 15.76
N VAL B 150 -17.63 -3.72 14.58
CA VAL B 150 -18.73 -2.91 14.04
C VAL B 150 -20.09 -3.62 14.12
N ALA B 151 -21.06 -2.93 14.73
CA ALA B 151 -22.45 -3.36 14.86
C ALA B 151 -23.31 -2.37 14.07
N TRP B 152 -24.09 -2.88 13.14
CA TRP B 152 -24.99 -2.02 12.33
C TRP B 152 -26.39 -2.14 12.92
N LYS B 153 -27.14 -1.06 13.02
CA LYS B 153 -28.47 -1.20 13.64
C LYS B 153 -29.55 -0.65 12.72
N ALA B 154 -30.63 -1.40 12.60
CA ALA B 154 -31.84 -0.97 11.87
C ALA B 154 -32.70 -0.43 13.00
N ASP B 155 -32.92 0.89 13.05
CA ASP B 155 -33.59 1.50 14.23
C ASP B 155 -32.79 1.09 15.46
N SER B 156 -33.21 0.04 16.16
CA SER B 156 -32.50 -0.40 17.37
C SER B 156 -32.13 -1.87 17.27
N SER B 157 -32.61 -2.56 16.24
CA SER B 157 -32.33 -4.01 16.04
C SER B 157 -31.04 -4.19 15.24
N PRO B 158 -30.21 -5.19 15.58
CA PRO B 158 -28.95 -5.42 14.88
C PRO B 158 -29.01 -5.99 13.46
N VAL B 159 -27.99 -5.71 12.66
CA VAL B 159 -27.96 -6.20 11.26
C VAL B 159 -26.62 -6.92 11.04
N LYS B 160 -26.69 -8.08 10.38
CA LYS B 160 -25.56 -8.97 10.10
C LYS B 160 -25.41 -9.13 8.58
N ALA B 161 -26.53 -9.17 7.84
CA ALA B 161 -26.59 -9.33 6.39
C ALA B 161 -26.19 -8.09 5.60
N GLY B 162 -25.26 -8.27 4.66
CA GLY B 162 -24.76 -7.21 3.79
C GLY B 162 -23.71 -6.31 4.43
N VAL B 163 -23.08 -6.79 5.51
CA VAL B 163 -22.03 -6.09 6.24
C VAL B 163 -20.66 -6.52 5.68
N GLU B 164 -19.82 -5.53 5.31
CA GLU B 164 -18.46 -5.73 4.79
C GLU B 164 -17.53 -4.77 5.54
N THR B 165 -16.66 -5.31 6.42
CA THR B 165 -15.71 -4.54 7.22
C THR B 165 -14.28 -4.88 6.79
N THR B 166 -13.40 -3.87 6.67
CA THR B 166 -11.99 -4.07 6.30
C THR B 166 -11.19 -4.44 7.56
N THR B 167 -9.97 -4.95 7.37
CA THR B 167 -9.05 -5.23 8.47
C THR B 167 -8.39 -3.89 8.82
N PRO B 168 -8.17 -3.53 10.09
CA PRO B 168 -7.53 -2.24 10.40
C PRO B 168 -6.11 -2.15 9.83
N SER B 169 -5.81 -1.04 9.15
CA SER B 169 -4.51 -0.79 8.51
C SER B 169 -3.84 0.45 9.10
N LYS B 170 -2.50 0.52 9.06
CA LYS B 170 -1.76 1.65 9.59
C LYS B 170 -1.84 2.89 8.71
N GLN B 171 -1.96 4.06 9.36
CA GLN B 171 -2.03 5.37 8.72
C GLN B 171 -0.65 6.02 8.66
N SER B 172 -0.53 7.15 7.94
CA SER B 172 0.68 7.94 7.77
C SER B 172 1.20 8.44 9.14
N ASN B 173 0.27 8.73 10.07
CA ASN B 173 0.56 9.23 11.42
C ASN B 173 0.89 8.14 12.48
N ASN B 174 0.72 6.82 12.11
CA ASN B 174 0.94 5.60 12.92
C ASN B 174 -0.33 4.95 13.49
N LYS B 175 -1.48 5.65 13.47
CA LYS B 175 -2.74 5.09 13.99
C LYS B 175 -3.43 4.18 12.97
N TYR B 176 -4.62 3.67 13.29
CA TYR B 176 -5.33 2.75 12.40
C TYR B 176 -6.59 3.30 11.75
N ALA B 177 -6.96 2.71 10.58
CA ALA B 177 -8.14 3.06 9.79
C ALA B 177 -8.85 1.81 9.31
N ALA B 178 -10.19 1.83 9.35
CA ALA B 178 -11.06 0.73 8.91
C ALA B 178 -12.32 1.23 8.21
N SER B 179 -12.88 0.44 7.29
CA SER B 179 -14.08 0.83 6.56
C SER B 179 -15.16 -0.24 6.60
N SER B 180 -16.34 0.13 7.09
CA SER B 180 -17.50 -0.75 7.18
C SER B 180 -18.58 -0.30 6.18
N TYR B 181 -19.08 -1.25 5.36
CA TYR B 181 -20.08 -0.98 4.33
C TYR B 181 -21.32 -1.83 4.52
N LEU B 182 -22.51 -1.21 4.54
CA LEU B 182 -23.77 -1.92 4.66
C LEU B 182 -24.61 -1.85 3.37
N SER B 183 -24.79 -3.02 2.74
CA SER B 183 -25.54 -3.17 1.50
C SER B 183 -27.00 -3.47 1.81
N LEU B 184 -27.91 -2.68 1.23
CA LEU B 184 -29.35 -2.81 1.40
C LEU B 184 -30.02 -2.45 0.07
N THR B 185 -31.36 -2.43 0.05
CA THR B 185 -32.16 -2.09 -1.13
C THR B 185 -32.87 -0.76 -0.90
N PRO B 186 -33.25 0.02 -1.96
CA PRO B 186 -33.97 1.30 -1.73
C PRO B 186 -35.16 1.17 -0.78
N GLU B 187 -35.91 0.06 -0.89
CA GLU B 187 -37.07 -0.24 -0.04
C GLU B 187 -36.66 -0.45 1.43
N GLN B 188 -35.52 -1.12 1.67
CA GLN B 188 -34.99 -1.38 3.02
C GLN B 188 -34.55 -0.09 3.73
N TRP B 189 -33.95 0.85 2.98
CA TRP B 189 -33.49 2.14 3.51
C TRP B 189 -34.69 3.05 3.85
N LYS B 190 -35.77 3.00 3.02
CA LYS B 190 -36.99 3.78 3.17
C LYS B 190 -37.96 3.23 4.23
N SER B 191 -38.00 1.88 4.41
CA SER B 191 -38.90 1.22 5.37
C SER B 191 -38.48 1.32 6.85
N HIS B 192 -37.33 1.97 7.11
CA HIS B 192 -36.82 2.18 8.46
C HIS B 192 -36.68 3.66 8.74
N ARG B 193 -36.71 4.05 10.03
CA ARG B 193 -36.59 5.46 10.38
C ARG B 193 -35.16 5.94 10.26
N SER B 194 -34.20 4.99 10.35
CA SER B 194 -32.75 5.20 10.24
C SER B 194 -31.93 3.93 10.51
N TYR B 195 -30.63 4.01 10.16
CA TYR B 195 -29.63 2.99 10.42
C TYR B 195 -28.46 3.65 11.16
N SER B 196 -27.79 2.87 12.03
CA SER B 196 -26.66 3.36 12.83
C SER B 196 -25.44 2.47 12.77
N CYS B 197 -24.24 3.09 12.73
CA CYS B 197 -22.97 2.38 12.73
C CYS B 197 -22.37 2.49 14.13
N GLN B 198 -22.40 1.39 14.86
CA GLN B 198 -21.90 1.33 16.24
C GLN B 198 -20.49 0.71 16.24
N VAL B 199 -19.48 1.52 16.55
CA VAL B 199 -18.09 1.07 16.58
C VAL B 199 -17.59 0.91 18.02
N THR B 200 -17.04 -0.27 18.34
CA THR B 200 -16.49 -0.58 19.66
C THR B 200 -14.97 -0.63 19.58
N HIS B 201 -14.30 0.07 20.52
CA HIS B 201 -12.83 0.13 20.60
C HIS B 201 -12.37 0.31 22.05
N GLU B 202 -11.68 -0.73 22.58
CA GLU B 202 -11.11 -0.81 23.93
C GLU B 202 -12.10 -0.52 25.07
N GLY B 203 -13.29 -1.13 24.97
CA GLY B 203 -14.35 -1.00 25.97
C GLY B 203 -15.20 0.25 25.89
N SER B 204 -14.97 1.09 24.86
CA SER B 204 -15.73 2.32 24.64
C SER B 204 -16.48 2.26 23.31
N THR B 205 -17.63 2.93 23.23
CA THR B 205 -18.47 2.89 22.04
C THR B 205 -18.70 4.27 21.42
N VAL B 206 -18.63 4.33 20.08
CA VAL B 206 -18.90 5.54 19.27
C VAL B 206 -20.01 5.18 18.27
N GLU B 207 -21.21 5.74 18.48
CA GLU B 207 -22.38 5.51 17.63
C GLU B 207 -22.66 6.71 16.73
N LYS B 208 -22.91 6.45 15.43
CA LYS B 208 -23.28 7.49 14.46
C LYS B 208 -24.55 7.11 13.73
N THR B 209 -25.43 8.10 13.48
CA THR B 209 -26.74 7.85 12.90
C THR B 209 -27.11 8.73 11.68
N VAL B 210 -27.62 8.08 10.61
CA VAL B 210 -28.13 8.71 9.38
C VAL B 210 -29.58 8.27 9.15
N ALA B 211 -30.45 9.18 8.69
CA ALA B 211 -31.87 8.90 8.47
C ALA B 211 -32.38 9.23 7.05
N PRO B 212 -33.27 8.40 6.45
CA PRO B 212 -33.77 8.71 5.08
C PRO B 212 -34.63 9.95 5.01
#